data_5TFQ
#
_entry.id   5TFQ
#
_cell.length_a   55.837
_cell.length_b   62.808
_cell.length_c   87.058
_cell.angle_alpha   90.00
_cell.angle_beta   90.00
_cell.angle_gamma   90.00
#
_symmetry.space_group_name_H-M   'P 21 21 21'
#
loop_
_entity.id
_entity.type
_entity.pdbx_description
1 polymer Beta-lactamase
2 non-polymer 'PHOSPHATE ION'
3 non-polymer GLYCEROL
4 water water
#
_entity_poly.entity_id   1
_entity_poly.type   'polypeptide(L)'
_entity_poly.pdbx_seq_one_letter_code
;TNRTPKQKIEQQIDSLLKDKKATVGVAVLANDETVAVYNNQIHFPLLSVFKFHVGLAVLDK(MSE)DKGHIALDSLIEVK
SSQLKSNTYSPLRDKFPDQDITISLGELLKYTISKSDNNTCDILIEYVGGIDQVNEYVKSLGIKDCNLAATETL(MSE)H
TSGDTDLNWSTPEEVVRLLNIADKQPLFGTQYKDFLQAI(MSE)QETSTGKDKLKGQLPADVIVGHKTGSSDRTPEGIKI
ADNDAGFVILPNGQKYYIAVFV(MSE)ESQETDADNAAIIASISKIVYDTLNSDIQ
;
_entity_poly.pdbx_strand_id   A
#
loop_
_chem_comp.id
_chem_comp.type
_chem_comp.name
_chem_comp.formula
GOL non-polymer GLYCEROL 'C3 H8 O3'
PO4 non-polymer 'PHOSPHATE ION' 'O4 P -3'
#
# COMPACT_ATOMS: atom_id res chain seq x y z
N ASN A 2 20.33 -27.41 -2.63
CA ASN A 2 18.95 -27.96 -2.73
C ASN A 2 18.09 -27.34 -1.61
N ARG A 3 17.41 -26.27 -1.95
CA ARG A 3 16.62 -25.49 -1.00
C ARG A 3 15.29 -25.10 -1.61
N THR A 4 14.31 -24.89 -0.77
CA THR A 4 13.01 -24.46 -1.24
C THR A 4 13.02 -22.98 -1.60
N PRO A 5 12.02 -22.53 -2.34
CA PRO A 5 11.95 -21.09 -2.64
C PRO A 5 11.93 -20.25 -1.33
N LYS A 6 11.18 -20.75 -0.33
CA LYS A 6 11.13 -20.07 0.95
C LYS A 6 12.54 -19.93 1.54
N GLN A 7 13.28 -21.03 1.59
CA GLN A 7 14.61 -21.03 2.16
C GLN A 7 15.53 -20.08 1.41
N LYS A 8 15.46 -20.09 0.08
CA LYS A 8 16.30 -19.21 -0.73
C LYS A 8 15.99 -17.75 -0.46
N ILE A 9 14.72 -17.41 -0.44
CA ILE A 9 14.32 -16.04 -0.16
C ILE A 9 14.79 -15.63 1.22
N GLU A 10 14.49 -16.45 2.21
N GLU A 10 14.65 -16.45 2.25
CA GLU A 10 14.89 -16.17 3.59
CA GLU A 10 14.94 -16.03 3.62
C GLU A 10 16.38 -15.90 3.69
C GLU A 10 16.44 -15.98 3.88
N GLN A 11 17.19 -16.80 3.14
CA GLN A 11 18.65 -16.69 3.21
CA GLN A 11 18.66 -16.72 3.21
C GLN A 11 19.14 -15.41 2.59
N GLN A 12 18.62 -15.09 1.41
CA GLN A 12 19.08 -13.92 0.68
C GLN A 12 18.65 -12.63 1.37
N ILE A 13 17.45 -12.60 1.92
CA ILE A 13 17.04 -11.43 2.69
C ILE A 13 17.93 -11.23 3.92
N ASP A 14 18.15 -12.30 4.67
CA ASP A 14 18.96 -12.14 5.86
C ASP A 14 20.35 -11.64 5.51
N SER A 15 20.97 -12.14 4.43
N SER A 15 20.95 -12.16 4.45
CA SER A 15 22.31 -11.68 4.03
CA SER A 15 22.28 -11.70 4.04
C SER A 15 22.30 -10.20 3.61
C SER A 15 22.28 -10.21 3.61
N LEU A 16 21.25 -9.82 2.88
CA LEU A 16 21.12 -8.43 2.44
C LEU A 16 21.05 -7.50 3.63
N LEU A 17 20.29 -7.86 4.64
CA LEU A 17 19.99 -6.95 5.71
C LEU A 17 20.97 -6.91 6.84
N LYS A 18 21.95 -7.79 6.82
CA LYS A 18 22.84 -7.96 7.98
C LYS A 18 23.35 -6.64 8.47
N ASP A 19 23.85 -5.79 7.54
CA ASP A 19 24.48 -4.58 7.98
C ASP A 19 23.59 -3.34 7.80
N LYS A 20 22.31 -3.52 7.53
CA LYS A 20 21.43 -2.36 7.35
C LYS A 20 20.89 -1.85 8.67
N LYS A 21 20.89 -0.53 8.83
CA LYS A 21 20.47 0.10 10.05
C LYS A 21 18.96 0.40 10.01
N ALA A 22 18.17 -0.67 10.06
CA ALA A 22 16.73 -0.56 9.92
C ALA A 22 16.13 -1.87 10.41
N THR A 23 14.83 -1.88 10.66
CA THR A 23 14.08 -3.09 10.99
C THR A 23 13.12 -3.33 9.85
N VAL A 24 13.29 -4.42 9.11
CA VAL A 24 12.56 -4.66 7.87
C VAL A 24 11.60 -5.81 8.05
N GLY A 25 10.36 -5.61 7.61
CA GLY A 25 9.37 -6.67 7.57
C GLY A 25 9.05 -7.06 6.15
N VAL A 26 8.89 -8.34 5.88
CA VAL A 26 8.57 -8.87 4.56
C VAL A 26 7.52 -9.91 4.72
N ALA A 27 6.60 -9.98 3.72
CA ALA A 27 5.79 -11.16 3.51
C ALA A 27 5.57 -11.36 2.03
N VAL A 28 5.50 -12.60 1.59
CA VAL A 28 5.26 -13.01 0.22
C VAL A 28 4.20 -14.08 0.24
N LEU A 29 3.20 -13.97 -0.65
CA LEU A 29 2.10 -14.93 -0.72
C LEU A 29 1.87 -15.29 -2.18
N ALA A 30 1.75 -16.55 -2.50
CA ALA A 30 1.47 -17.01 -3.86
C ALA A 30 0.61 -18.27 -3.78
N ASN A 31 -0.31 -18.41 -4.70
CA ASN A 31 -1.18 -19.59 -4.72
C ASN A 31 -1.82 -19.89 -3.38
N ASP A 32 -2.37 -18.85 -2.76
CA ASP A 32 -3.07 -18.90 -1.49
C ASP A 32 -2.25 -19.39 -0.34
N GLU A 33 -0.95 -19.24 -0.44
CA GLU A 33 -0.07 -19.72 0.60
C GLU A 33 1.05 -18.74 0.85
N THR A 34 1.30 -18.42 2.12
CA THR A 34 2.46 -17.64 2.46
C THR A 34 3.74 -18.38 2.06
N VAL A 35 4.57 -17.74 1.26
CA VAL A 35 5.78 -18.32 0.77
C VAL A 35 6.87 -18.05 1.70
N ALA A 36 7.02 -16.83 2.25
CA ALA A 36 8.10 -16.46 3.13
C ALA A 36 7.73 -15.20 3.89
N VAL A 37 8.38 -15.05 5.05
CA VAL A 37 8.23 -13.88 5.93
C VAL A 37 9.54 -13.51 6.51
N TYR A 38 9.58 -12.28 7.03
CA TYR A 38 10.72 -11.75 7.76
C TYR A 38 10.20 -10.76 8.76
N ASN A 39 10.52 -10.93 10.04
CA ASN A 39 10.04 -10.04 11.07
C ASN A 39 8.52 -9.89 11.04
N ASN A 40 7.82 -10.99 10.84
CA ASN A 40 6.36 -10.93 10.71
C ASN A 40 5.60 -10.69 11.95
N GLN A 41 6.27 -10.79 13.11
N GLN A 41 6.26 -10.78 13.12
CA GLN A 41 5.59 -10.52 14.38
CA GLN A 41 5.58 -10.49 14.38
C GLN A 41 5.53 -9.02 14.73
C GLN A 41 5.50 -9.01 14.70
N ILE A 42 6.27 -8.18 13.99
CA ILE A 42 6.34 -6.78 14.29
C ILE A 42 5.11 -6.02 13.68
N HIS A 43 4.63 -5.05 14.46
CA HIS A 43 3.55 -4.17 14.04
C HIS A 43 4.17 -2.96 13.34
N PHE A 44 4.09 -2.94 12.03
CA PHE A 44 4.73 -1.88 11.23
C PHE A 44 3.76 -0.74 10.99
N PRO A 45 4.20 0.51 11.11
CA PRO A 45 3.35 1.64 10.72
C PRO A 45 3.16 1.60 9.21
N LEU A 46 1.91 1.71 8.76
CA LEU A 46 1.57 1.57 7.36
C LEU A 46 1.87 2.82 6.55
N LEU A 47 1.75 3.99 7.18
CA LEU A 47 1.79 5.24 6.42
C LEU A 47 0.80 5.08 5.23
N SER A 48 1.14 5.55 4.04
CA SER A 48 0.13 5.58 2.97
C SER A 48 -0.25 4.22 2.44
N VAL A 49 0.36 3.12 2.90
CA VAL A 49 -0.11 1.82 2.43
C VAL A 49 -1.61 1.63 2.83
N PHE A 50 -2.03 2.27 3.93
CA PHE A 50 -3.42 2.09 4.38
C PHE A 50 -4.44 2.65 3.39
N LYS A 51 -3.99 3.46 2.42
CA LYS A 51 -4.92 3.94 1.38
C LYS A 51 -5.47 2.80 0.56
N PHE A 52 -4.75 1.67 0.47
CA PHE A 52 -5.33 0.47 -0.12
C PHE A 52 -6.54 -0.02 0.66
N HIS A 53 -6.39 -0.15 1.97
CA HIS A 53 -7.50 -0.57 2.81
C HIS A 53 -8.69 0.39 2.67
N VAL A 54 -8.42 1.69 2.66
CA VAL A 54 -9.49 2.67 2.45
C VAL A 54 -10.20 2.40 1.14
N GLY A 55 -9.41 2.23 0.08
CA GLY A 55 -10.03 1.96 -1.21
C GLY A 55 -10.91 0.74 -1.24
N LEU A 56 -10.52 -0.33 -0.54
CA LEU A 56 -11.39 -1.51 -0.49
C LEU A 56 -12.71 -1.18 0.17
N ALA A 57 -12.66 -0.44 1.28
CA ALA A 57 -13.91 -0.10 1.98
C ALA A 57 -14.80 0.79 1.10
N VAL A 58 -14.19 1.70 0.34
CA VAL A 58 -14.97 2.55 -0.57
C VAL A 58 -15.63 1.69 -1.64
N LEU A 59 -14.91 0.80 -2.28
CA LEU A 59 -15.44 -0.04 -3.34
C LEU A 59 -16.56 -0.95 -2.80
N ASP A 60 -16.39 -1.46 -1.58
CA ASP A 60 -17.46 -2.23 -0.93
C ASP A 60 -18.73 -1.41 -0.82
N LYS A 61 -18.61 -0.20 -0.31
CA LYS A 61 -19.78 0.67 -0.12
C LYS A 61 -20.43 0.98 -1.48
N MSE A 62 -19.62 1.33 -2.48
CA MSE A 62 -20.15 1.63 -3.81
C MSE A 62 -20.90 0.44 -4.37
O MSE A 62 -22.00 0.57 -4.90
CB MSE A 62 -19.03 2.04 -4.76
CG MSE A 62 -18.40 3.39 -4.33
SE MSE A 62 -16.86 3.83 -5.45
CE MSE A 62 -17.85 4.21 -7.08
N ASP A 63 -20.30 -0.75 -4.27
CA ASP A 63 -20.94 -1.94 -4.76
C ASP A 63 -22.29 -2.21 -4.12
N LYS A 64 -22.34 -2.02 -2.81
CA LYS A 64 -23.60 -2.27 -2.10
C LYS A 64 -24.69 -1.37 -2.54
N GLY A 65 -24.33 -0.12 -2.93
CA GLY A 65 -25.29 0.87 -3.41
C GLY A 65 -25.47 0.95 -4.89
N HIS A 66 -24.81 0.08 -5.65
CA HIS A 66 -24.84 0.16 -7.09
CA HIS A 66 -24.72 0.12 -7.13
C HIS A 66 -24.37 1.53 -7.57
N ILE A 67 -23.31 2.06 -6.97
CA ILE A 67 -22.79 3.37 -7.33
C ILE A 67 -21.76 3.21 -8.44
N ALA A 68 -21.91 3.97 -9.54
CA ALA A 68 -20.98 3.86 -10.64
C ALA A 68 -19.67 4.57 -10.34
N LEU A 69 -18.58 4.02 -10.87
CA LEU A 69 -17.27 4.60 -10.72
C LEU A 69 -17.19 6.02 -11.29
N ASP A 70 -17.98 6.31 -12.33
CA ASP A 70 -17.92 7.61 -12.94
C ASP A 70 -18.86 8.61 -12.31
N SER A 71 -19.61 8.24 -11.29
CA SER A 71 -20.56 9.10 -10.63
CA SER A 71 -20.57 9.17 -10.78
C SER A 71 -19.87 10.31 -10.02
N LEU A 72 -20.34 11.52 -10.39
CA LEU A 72 -19.70 12.76 -9.92
C LEU A 72 -20.23 13.18 -8.57
N ILE A 73 -19.36 13.59 -7.69
CA ILE A 73 -19.68 14.19 -6.41
C ILE A 73 -19.06 15.57 -6.28
N GLU A 74 -19.64 16.39 -5.40
CA GLU A 74 -19.07 17.70 -5.10
C GLU A 74 -18.00 17.63 -4.00
N VAL A 75 -16.87 18.28 -4.23
CA VAL A 75 -15.83 18.42 -3.27
C VAL A 75 -15.56 19.92 -3.10
N LYS A 76 -15.72 20.41 -1.89
CA LYS A 76 -15.53 21.81 -1.60
C LYS A 76 -14.04 22.13 -1.50
N SER A 77 -13.69 23.41 -1.74
CA SER A 77 -12.29 23.83 -1.61
CA SER A 77 -12.30 23.82 -1.60
C SER A 77 -11.80 23.57 -0.18
N SER A 78 -12.67 23.69 0.82
CA SER A 78 -12.30 23.42 2.20
C SER A 78 -11.84 22.00 2.44
N GLN A 79 -12.22 21.07 1.58
CA GLN A 79 -11.80 19.68 1.69
C GLN A 79 -10.48 19.44 0.98
N LEU A 80 -10.04 20.43 0.22
CA LEU A 80 -8.79 20.34 -0.54
C LEU A 80 -7.80 21.30 0.12
N LYS A 81 -7.30 20.86 1.25
CA LYS A 81 -6.38 21.65 2.04
C LYS A 81 -5.01 21.80 1.42
N SER A 82 -4.43 22.97 1.60
CA SER A 82 -3.10 23.22 1.02
CA SER A 82 -3.11 23.35 1.09
C SER A 82 -1.93 22.79 1.88
N ASN A 83 -2.19 22.41 3.11
CA ASN A 83 -1.09 22.06 4.00
C ASN A 83 -0.71 20.58 4.00
N THR A 84 -1.03 19.86 2.95
CA THR A 84 -0.78 18.43 2.86
C THR A 84 -0.56 18.06 1.42
N TYR A 85 0.13 16.98 1.16
CA TYR A 85 0.36 16.56 -0.22
C TYR A 85 -0.93 16.24 -0.93
N SER A 86 -1.14 16.91 -2.05
CA SER A 86 -2.38 16.74 -2.81
C SER A 86 -2.19 17.17 -4.24
N PRO A 87 -1.83 16.21 -5.11
CA PRO A 87 -1.79 16.50 -6.55
C PRO A 87 -3.11 17.02 -7.09
N LEU A 88 -4.23 16.58 -6.53
CA LEU A 88 -5.54 17.09 -7.02
C LEU A 88 -5.66 18.58 -6.72
N ARG A 89 -5.38 19.00 -5.51
CA ARG A 89 -5.45 20.43 -5.18
C ARG A 89 -4.47 21.21 -6.03
N ASP A 90 -3.26 20.67 -6.25
CA ASP A 90 -2.30 21.37 -7.04
C ASP A 90 -2.81 21.65 -8.44
N LYS A 91 -3.51 20.69 -9.00
CA LYS A 91 -4.08 20.78 -10.36
C LYS A 91 -5.29 21.73 -10.44
N PHE A 92 -6.11 21.72 -9.38
CA PHE A 92 -7.34 22.48 -9.29
C PHE A 92 -7.37 23.27 -8.00
N PRO A 93 -6.52 24.31 -7.89
CA PRO A 93 -6.39 25.01 -6.63
C PRO A 93 -7.50 26.02 -6.45
N ASP A 94 -7.76 26.37 -5.19
CA ASP A 94 -8.61 27.47 -4.82
C ASP A 94 -9.99 27.40 -5.51
N GLN A 95 -10.62 26.22 -5.45
CA GLN A 95 -11.92 26.06 -6.12
C GLN A 95 -12.64 24.84 -5.57
N ASP A 96 -13.98 24.96 -5.59
CA ASP A 96 -14.84 23.81 -5.45
C ASP A 96 -14.84 23.04 -6.76
N ILE A 97 -14.98 21.73 -6.70
CA ILE A 97 -14.97 20.87 -7.89
C ILE A 97 -16.06 19.85 -7.83
N THR A 98 -16.30 19.23 -9.01
CA THR A 98 -17.04 17.97 -9.04
CA THR A 98 -17.10 18.04 -9.22
C THR A 98 -16.11 16.95 -9.69
N ILE A 99 -16.15 15.76 -9.07
CA ILE A 99 -15.12 14.76 -9.39
C ILE A 99 -15.73 13.42 -9.14
N SER A 100 -15.37 12.40 -9.93
CA SER A 100 -15.94 11.09 -9.71
C SER A 100 -15.31 10.35 -8.54
N LEU A 101 -16.05 9.44 -7.99
CA LEU A 101 -15.49 8.54 -6.99
C LEU A 101 -14.31 7.75 -7.56
N GLY A 102 -14.39 7.33 -8.80
CA GLY A 102 -13.24 6.66 -9.44
C GLY A 102 -12.01 7.53 -9.46
N GLU A 103 -12.17 8.79 -9.85
CA GLU A 103 -11.02 9.67 -9.87
C GLU A 103 -10.49 9.92 -8.48
N LEU A 104 -11.36 10.06 -7.49
CA LEU A 104 -10.87 10.17 -6.12
C LEU A 104 -10.03 8.95 -5.70
N LEU A 105 -10.46 7.77 -6.10
CA LEU A 105 -9.71 6.55 -5.85
C LEU A 105 -8.35 6.56 -6.55
N LYS A 106 -8.32 7.04 -7.80
CA LYS A 106 -7.05 7.11 -8.55
C LYS A 106 -6.10 8.06 -7.84
N TYR A 107 -6.55 9.26 -7.45
CA TYR A 107 -5.65 10.14 -6.76
C TYR A 107 -5.18 9.55 -5.46
N THR A 108 -6.06 8.84 -4.72
CA THR A 108 -5.70 8.28 -3.42
C THR A 108 -4.66 7.18 -3.56
N ILE A 109 -4.96 6.19 -4.41
CA ILE A 109 -4.10 5.02 -4.53
C ILE A 109 -2.92 5.25 -5.45
N SER A 110 -3.18 5.75 -6.67
CA SER A 110 -2.09 5.82 -7.65
C SER A 110 -1.14 6.96 -7.35
N LYS A 111 -1.65 8.07 -6.80
CA LYS A 111 -0.85 9.24 -6.55
C LYS A 111 -0.59 9.52 -5.08
N SER A 112 -1.25 8.81 -4.16
CA SER A 112 -1.01 9.01 -2.73
C SER A 112 -1.50 10.34 -2.19
N ASP A 113 -2.56 10.91 -2.78
CA ASP A 113 -3.07 12.20 -2.33
C ASP A 113 -3.75 12.07 -0.98
N ASN A 114 -3.36 12.97 -0.05
CA ASN A 114 -3.90 12.95 1.30
C ASN A 114 -5.31 13.54 1.40
N ASN A 115 -5.61 14.56 0.64
CA ASN A 115 -6.96 15.11 0.71
C ASN A 115 -7.96 14.15 0.19
N THR A 116 -7.69 13.49 -0.95
CA THR A 116 -8.66 12.55 -1.48
C THR A 116 -8.81 11.36 -0.57
N CYS A 117 -7.72 10.91 0.06
CA CYS A 117 -7.82 9.86 1.05
C CYS A 117 -8.88 10.21 2.09
N ASP A 118 -8.74 11.39 2.70
CA ASP A 118 -9.63 11.74 3.80
C ASP A 118 -11.07 12.01 3.33
N ILE A 119 -11.24 12.49 2.10
CA ILE A 119 -12.57 12.62 1.54
C ILE A 119 -13.21 11.23 1.46
N LEU A 120 -12.44 10.24 1.00
CA LEU A 120 -12.98 8.87 0.88
C LEU A 120 -13.22 8.21 2.22
N ILE A 121 -12.39 8.50 3.23
CA ILE A 121 -12.68 7.98 4.56
C ILE A 121 -13.99 8.54 5.08
N GLU A 122 -14.20 9.85 4.87
CA GLU A 122 -15.48 10.46 5.27
C GLU A 122 -16.63 9.81 4.50
N TYR A 123 -16.46 9.52 3.21
CA TYR A 123 -17.50 8.86 2.40
C TYR A 123 -17.95 7.55 3.00
N VAL A 124 -17.01 6.79 3.52
CA VAL A 124 -17.42 5.55 4.15
C VAL A 124 -17.87 5.66 5.58
N GLY A 125 -17.78 6.82 6.18
CA GLY A 125 -18.29 7.04 7.52
C GLY A 125 -17.26 7.14 8.59
N GLY A 126 -15.98 7.23 8.27
CA GLY A 126 -14.92 7.39 9.22
C GLY A 126 -13.96 6.23 9.23
N ILE A 127 -12.80 6.43 9.86
CA ILE A 127 -11.79 5.39 9.87
C ILE A 127 -12.23 4.17 10.58
N ASP A 128 -13.09 4.28 11.58
CA ASP A 128 -13.56 3.09 12.29
C ASP A 128 -14.33 2.16 11.33
N GLN A 129 -15.03 2.74 10.35
CA GLN A 129 -15.72 1.93 9.35
C GLN A 129 -14.76 1.17 8.46
N VAL A 130 -13.67 1.83 8.07
CA VAL A 130 -12.64 1.15 7.30
C VAL A 130 -12.07 -0.03 8.13
N ASN A 131 -11.77 0.30 9.38
CA ASN A 131 -11.20 -0.74 10.32
C ASN A 131 -12.15 -1.92 10.42
N GLU A 132 -13.45 -1.65 10.65
CA GLU A 132 -14.41 -2.72 10.75
C GLU A 132 -14.50 -3.52 9.46
N TYR A 133 -14.44 -2.85 8.31
CA TYR A 133 -14.48 -3.59 7.05
C TYR A 133 -13.34 -4.57 6.95
N VAL A 134 -12.10 -4.08 7.20
CA VAL A 134 -10.96 -4.96 7.09
C VAL A 134 -11.08 -6.15 8.06
N LYS A 135 -11.49 -5.89 9.29
CA LYS A 135 -11.62 -6.97 10.23
C LYS A 135 -12.72 -7.95 9.85
N SER A 136 -13.74 -7.48 9.15
CA SER A 136 -14.84 -8.34 8.71
C SER A 136 -14.39 -9.38 7.67
N LEU A 137 -13.23 -9.12 7.02
CA LEU A 137 -12.64 -10.04 6.07
C LEU A 137 -11.74 -11.05 6.74
N GLY A 138 -11.58 -11.00 8.05
CA GLY A 138 -10.75 -11.93 8.80
C GLY A 138 -9.31 -11.50 8.98
N ILE A 139 -9.00 -10.28 8.64
CA ILE A 139 -7.67 -9.73 8.90
C ILE A 139 -7.61 -9.39 10.39
N LYS A 140 -6.67 -9.92 11.14
CA LYS A 140 -6.60 -9.73 12.59
C LYS A 140 -5.53 -8.79 13.03
N ASP A 141 -4.29 -9.01 12.57
CA ASP A 141 -3.12 -8.33 13.13
C ASP A 141 -2.86 -7.04 12.39
N CYS A 142 -3.81 -6.13 12.55
CA CYS A 142 -3.66 -4.78 12.11
CA CYS A 142 -3.84 -4.84 11.88
C CYS A 142 -4.74 -3.94 12.74
N ASN A 143 -4.55 -2.66 12.74
CA ASN A 143 -5.56 -1.73 13.24
C ASN A 143 -5.41 -0.44 12.52
N LEU A 144 -6.56 0.18 12.21
CA LEU A 144 -6.63 1.46 11.53
C LEU A 144 -7.43 2.40 12.41
N ALA A 145 -6.77 3.44 12.96
CA ALA A 145 -7.39 4.38 13.85
C ALA A 145 -7.12 5.81 13.49
N ALA A 146 -6.58 6.12 12.32
CA ALA A 146 -6.34 7.51 11.95
C ALA A 146 -6.58 7.81 10.50
N THR A 147 -7.18 8.98 10.24
CA THR A 147 -7.10 9.65 8.96
C THR A 147 -5.69 10.20 8.71
N GLU A 148 -5.44 10.62 7.45
CA GLU A 148 -4.21 11.39 7.18
C GLU A 148 -4.17 12.62 8.06
N THR A 149 -5.28 13.35 8.16
CA THR A 149 -5.29 14.54 8.97
C THR A 149 -4.87 14.25 10.40
N LEU A 150 -5.45 13.22 11.00
CA LEU A 150 -5.12 12.94 12.39
C LEU A 150 -3.67 12.58 12.55
N MSE A 151 -3.12 11.82 11.61
CA MSE A 151 -1.66 11.50 11.74
C MSE A 151 -0.83 12.75 11.63
O MSE A 151 0.20 12.87 12.32
CB MSE A 151 -1.29 10.49 10.70
CG MSE A 151 -1.78 9.14 11.09
SE MSE A 151 -1.09 7.77 9.94
CE MSE A 151 -2.21 8.24 8.40
N HIS A 152 -1.22 13.69 10.76
CA HIS A 152 -0.48 14.93 10.57
C HIS A 152 -0.56 15.81 11.79
N THR A 153 -1.76 15.99 12.39
CA THR A 153 -1.91 16.95 13.51
C THR A 153 -1.31 16.33 14.77
N SER A 154 -1.48 15.04 14.99
CA SER A 154 -1.03 14.43 16.21
C SER A 154 0.40 13.93 16.17
N GLY A 155 0.91 13.65 14.98
CA GLY A 155 2.18 12.97 14.81
C GLY A 155 2.18 11.49 15.08
N ASP A 156 1.06 10.88 15.39
CA ASP A 156 0.96 9.50 15.84
CA ASP A 156 1.04 9.50 15.81
C ASP A 156 0.83 8.54 14.64
N THR A 157 1.92 8.28 13.94
CA THR A 157 1.92 7.41 12.77
C THR A 157 1.78 5.94 13.16
N ASP A 158 1.82 5.61 14.44
CA ASP A 158 1.58 4.24 14.86
CA ASP A 158 1.56 4.25 14.93
C ASP A 158 0.10 3.87 14.96
N LEU A 159 -0.80 4.82 14.71
CA LEU A 159 -2.21 4.56 14.77
C LEU A 159 -2.75 3.64 13.70
N ASN A 160 -2.05 3.57 12.56
CA ASN A 160 -2.43 2.63 11.48
C ASN A 160 -1.27 1.65 11.30
N TRP A 161 -1.45 0.40 11.68
CA TRP A 161 -0.33 -0.57 11.67
C TRP A 161 -0.81 -1.89 11.14
N SER A 162 0.16 -2.69 10.71
CA SER A 162 -0.14 -4.08 10.33
C SER A 162 1.10 -4.93 10.44
N THR A 163 0.94 -6.23 10.58
CA THR A 163 2.04 -7.13 10.25
C THR A 163 2.18 -7.21 8.74
N PRO A 164 3.35 -7.63 8.23
CA PRO A 164 3.49 -7.76 6.77
C PRO A 164 2.53 -8.78 6.17
N GLU A 165 2.35 -9.91 6.86
CA GLU A 165 1.53 -10.97 6.29
C GLU A 165 0.07 -10.54 6.14
N GLU A 166 -0.42 -9.72 7.07
CA GLU A 166 -1.83 -9.31 6.94
C GLU A 166 -2.02 -8.47 5.70
N VAL A 167 -1.03 -7.66 5.27
CA VAL A 167 -1.19 -6.89 4.06
C VAL A 167 -1.24 -7.80 2.85
N VAL A 168 -0.33 -8.77 2.72
CA VAL A 168 -0.41 -9.65 1.57
C VAL A 168 -1.66 -10.52 1.59
N ARG A 169 -2.12 -10.93 2.76
CA ARG A 169 -3.38 -11.67 2.83
C ARG A 169 -4.54 -10.82 2.32
N LEU A 170 -4.55 -9.55 2.68
CA LEU A 170 -5.62 -8.64 2.21
C LEU A 170 -5.56 -8.45 0.70
N LEU A 171 -4.36 -8.25 0.18
CA LEU A 171 -4.21 -8.12 -1.26
C LEU A 171 -4.70 -9.36 -1.98
N ASN A 172 -4.37 -10.53 -1.44
CA ASN A 172 -4.81 -11.77 -2.08
C ASN A 172 -6.33 -11.94 -2.00
N ILE A 173 -6.93 -11.60 -0.84
CA ILE A 173 -8.40 -11.65 -0.73
C ILE A 173 -9.04 -10.75 -1.73
N ALA A 174 -8.49 -9.56 -1.93
CA ALA A 174 -9.08 -8.63 -2.89
C ALA A 174 -9.05 -9.17 -4.31
N ASP A 175 -8.04 -9.95 -4.63
CA ASP A 175 -7.95 -10.55 -5.94
C ASP A 175 -8.86 -11.73 -6.08
N LYS A 176 -8.89 -12.62 -5.07
CA LYS A 176 -9.52 -13.92 -5.16
C LYS A 176 -11.01 -13.92 -4.83
N GLN A 177 -11.40 -13.17 -3.82
CA GLN A 177 -12.78 -13.21 -3.34
C GLN A 177 -13.62 -12.20 -4.09
N PRO A 178 -14.96 -12.48 -4.15
CA PRO A 178 -15.86 -11.57 -4.84
C PRO A 178 -16.31 -10.48 -3.89
N LEU A 179 -15.36 -9.61 -3.49
CA LEU A 179 -15.61 -8.56 -2.52
C LEU A 179 -16.63 -7.56 -3.03
N PHE A 180 -16.66 -7.41 -4.34
CA PHE A 180 -17.49 -6.46 -5.02
C PHE A 180 -17.47 -6.88 -6.47
N GLY A 181 -18.30 -6.22 -7.28
CA GLY A 181 -18.50 -6.65 -8.65
C GLY A 181 -17.23 -6.53 -9.46
N THR A 182 -17.21 -7.29 -10.55
CA THR A 182 -16.03 -7.35 -11.36
C THR A 182 -15.57 -6.01 -11.94
N GLN A 183 -16.48 -5.08 -12.22
CA GLN A 183 -16.04 -3.78 -12.70
C GLN A 183 -15.25 -3.04 -11.67
N TYR A 184 -15.57 -3.23 -10.40
CA TYR A 184 -14.84 -2.60 -9.33
C TYR A 184 -13.46 -3.26 -9.10
N LYS A 185 -13.41 -4.59 -9.22
CA LYS A 185 -12.15 -5.30 -9.13
C LYS A 185 -11.24 -4.89 -10.28
N ASP A 186 -11.76 -4.85 -11.49
CA ASP A 186 -10.93 -4.49 -12.61
C ASP A 186 -10.34 -3.09 -12.44
N PHE A 187 -11.15 -2.16 -11.94
CA PHE A 187 -10.70 -0.80 -11.72
C PHE A 187 -9.60 -0.78 -10.66
N LEU A 188 -9.78 -1.49 -9.54
CA LEU A 188 -8.77 -1.50 -8.51
C LEU A 188 -7.45 -2.03 -9.02
N GLN A 189 -7.50 -3.13 -9.78
CA GLN A 189 -6.26 -3.69 -10.32
C GLN A 189 -5.58 -2.66 -11.21
N ALA A 190 -6.34 -2.00 -12.06
CA ALA A 190 -5.77 -1.04 -12.98
C ALA A 190 -5.13 0.15 -12.28
N ILE A 191 -5.80 0.74 -11.32
CA ILE A 191 -5.25 1.90 -10.64
C ILE A 191 -4.03 1.54 -9.81
N MSE A 192 -4.09 0.35 -9.26
CA MSE A 192 -2.87 -0.28 -8.57
CA MSE A 192 -2.88 -0.15 -8.56
C MSE A 192 -1.65 -0.38 -9.52
O MSE A 192 -0.48 0.06 -9.26
CB MSE A 192 -3.15 -1.68 -8.06
CB MSE A 192 -3.01 -1.49 -7.89
CG MSE A 192 -4.01 -1.38 -6.83
CG MSE A 192 -3.92 -1.38 -6.68
SE MSE A 192 -4.07 -2.77 -5.45
SE MSE A 192 -2.90 -0.81 -5.12
CE MSE A 192 -2.29 -2.51 -4.65
CE MSE A 192 -2.17 -2.53 -4.60
N GLN A 193 -1.87 -0.82 -10.76
CA GLN A 193 -0.83 -0.84 -11.82
C GLN A 193 -0.39 0.53 -12.27
N GLU A 194 -1.27 1.51 -12.19
CA GLU A 194 -0.99 2.87 -12.62
C GLU A 194 -0.28 3.72 -11.55
N THR A 195 -0.04 3.17 -10.36
CA THR A 195 0.64 3.94 -9.34
C THR A 195 1.92 4.54 -9.88
N SER A 196 2.14 5.83 -9.55
CA SER A 196 3.28 6.56 -10.07
C SER A 196 4.33 6.87 -9.00
N THR A 197 4.04 6.63 -7.75
CA THR A 197 5.01 6.85 -6.68
C THR A 197 5.88 5.61 -6.52
N GLY A 198 7.06 5.80 -5.95
CA GLY A 198 7.94 4.71 -5.63
C GLY A 198 8.31 3.77 -6.75
N LYS A 199 8.65 4.33 -7.89
CA LYS A 199 9.07 3.49 -9.00
C LYS A 199 10.42 2.79 -8.72
N ASP A 200 11.14 3.28 -7.74
CA ASP A 200 12.42 2.68 -7.30
C ASP A 200 12.26 1.75 -6.15
N LYS A 201 11.05 1.38 -5.73
CA LYS A 201 10.80 0.48 -4.60
C LYS A 201 10.58 -0.93 -5.13
N LEU A 202 9.39 -1.55 -4.98
CA LEU A 202 9.24 -2.90 -5.51
C LEU A 202 9.67 -3.05 -6.96
N LYS A 203 9.39 -2.03 -7.77
CA LYS A 203 9.71 -2.08 -9.19
C LYS A 203 11.17 -1.78 -9.49
N GLY A 204 11.98 -1.34 -8.54
CA GLY A 204 13.22 -0.66 -8.87
C GLY A 204 14.31 -1.48 -9.54
N GLN A 205 14.33 -2.78 -9.33
CA GLN A 205 15.33 -3.62 -9.99
CA GLN A 205 15.32 -3.67 -9.92
C GLN A 205 14.69 -4.70 -10.81
N LEU A 206 13.40 -4.59 -11.12
CA LEU A 206 12.74 -5.59 -11.98
C LEU A 206 12.83 -5.18 -13.38
N PRO A 207 12.80 -6.16 -14.33
CA PRO A 207 12.76 -5.78 -15.72
C PRO A 207 11.61 -4.84 -16.00
N ALA A 208 11.84 -3.98 -16.99
CA ALA A 208 10.91 -2.90 -17.25
C ALA A 208 9.50 -3.32 -17.64
N ASP A 209 9.34 -4.50 -18.23
CA ASP A 209 8.06 -4.99 -18.68
C ASP A 209 7.28 -5.77 -17.62
N VAL A 210 7.80 -5.90 -16.40
CA VAL A 210 7.07 -6.61 -15.37
C VAL A 210 5.98 -5.71 -14.83
N ILE A 211 4.76 -6.19 -14.79
CA ILE A 211 3.65 -5.45 -14.23
CA ILE A 211 3.65 -5.47 -14.25
C ILE A 211 3.58 -5.62 -12.75
N VAL A 212 3.57 -4.50 -12.03
CA VAL A 212 3.47 -4.41 -10.59
C VAL A 212 2.32 -3.47 -10.23
N GLY A 213 1.37 -3.93 -9.45
CA GLY A 213 0.35 -3.03 -8.90
C GLY A 213 0.64 -2.82 -7.46
N HIS A 214 0.76 -1.58 -6.97
CA HIS A 214 1.28 -1.41 -5.63
C HIS A 214 0.87 -0.09 -5.03
N LYS A 215 1.03 -0.01 -3.71
CA LYS A 215 0.81 1.19 -2.90
C LYS A 215 2.00 1.43 -2.02
N THR A 216 2.56 2.62 -2.13
CA THR A 216 3.70 3.08 -1.33
C THR A 216 3.24 3.68 -0.01
N GLY A 217 4.21 3.83 0.91
CA GLY A 217 4.08 4.73 2.03
C GLY A 217 5.41 5.20 2.50
N SER A 218 5.45 6.32 3.16
CA SER A 218 6.69 6.89 3.73
C SER A 218 6.37 7.87 4.80
N SER A 219 7.19 7.95 5.85
CA SER A 219 7.08 8.93 6.89
C SER A 219 8.02 10.07 6.68
N ASP A 220 7.95 11.02 7.58
CA ASP A 220 8.98 12.00 7.70
C ASP A 220 10.22 11.38 8.37
N ARG A 221 11.31 12.10 8.31
CA ARG A 221 12.54 11.70 8.92
C ARG A 221 12.83 12.77 9.93
N THR A 222 13.23 12.32 11.10
CA THR A 222 13.63 13.27 12.16
C THR A 222 14.97 13.96 11.93
N PRO A 223 15.20 15.18 12.57
CA PRO A 223 16.50 15.83 12.46
C PRO A 223 17.65 14.98 12.93
N GLU A 224 17.35 14.01 13.80
CA GLU A 224 18.40 12.98 14.20
C GLU A 224 18.62 12.01 13.08
N GLY A 225 17.72 11.96 12.08
CA GLY A 225 18.01 11.16 10.89
C GLY A 225 17.27 9.86 10.77
N ILE A 226 16.35 9.59 11.65
CA ILE A 226 15.65 8.31 11.64
C ILE A 226 14.37 8.45 10.82
N LYS A 227 14.19 7.58 9.87
CA LYS A 227 12.91 7.58 9.12
C LYS A 227 12.08 6.48 9.68
N ILE A 228 10.90 6.80 10.24
CA ILE A 228 10.04 5.83 10.89
C ILE A 228 9.61 4.76 9.91
N ALA A 229 9.22 5.11 8.68
CA ALA A 229 8.68 4.12 7.75
C ALA A 229 9.00 4.43 6.34
N ASP A 230 9.22 3.35 5.56
CA ASP A 230 9.41 3.43 4.13
C ASP A 230 8.95 2.10 3.54
N ASN A 231 7.80 2.13 2.89
CA ASN A 231 7.05 0.91 2.60
C ASN A 231 6.65 0.81 1.15
N ASP A 232 6.38 -0.43 0.70
CA ASP A 232 5.70 -0.67 -0.58
C ASP A 232 5.06 -2.05 -0.52
N ALA A 233 3.85 -2.16 -1.06
CA ALA A 233 3.15 -3.44 -1.02
C ALA A 233 2.28 -3.58 -2.23
N GLY A 234 2.17 -4.78 -2.79
CA GLY A 234 1.33 -4.99 -3.95
C GLY A 234 1.45 -6.35 -4.54
N PHE A 235 1.07 -6.45 -5.79
CA PHE A 235 1.11 -7.66 -6.57
C PHE A 235 2.10 -7.49 -7.70
N VAL A 236 2.70 -8.64 -8.12
CA VAL A 236 3.61 -8.73 -9.24
C VAL A 236 3.10 -9.84 -10.13
N ILE A 237 3.07 -9.58 -11.44
CA ILE A 237 2.57 -10.56 -12.37
C ILE A 237 3.77 -11.28 -12.99
N LEU A 238 3.86 -12.59 -12.79
CA LEU A 238 4.89 -13.40 -13.35
C LEU A 238 4.64 -13.63 -14.89
N PRO A 239 5.60 -14.15 -15.58
CA PRO A 239 5.40 -14.34 -17.04
C PRO A 239 4.29 -15.28 -17.43
N ASN A 240 3.88 -16.18 -16.54
CA ASN A 240 2.74 -17.06 -16.77
C ASN A 240 1.41 -16.45 -16.36
N GLY A 241 1.39 -15.17 -16.02
CA GLY A 241 0.18 -14.47 -15.60
C GLY A 241 -0.19 -14.61 -14.17
N GLN A 242 0.40 -15.53 -13.45
CA GLN A 242 0.12 -15.67 -12.03
C GLN A 242 0.61 -14.51 -11.23
N LYS A 243 -0.17 -14.03 -10.31
CA LYS A 243 0.27 -13.02 -9.42
CA LYS A 243 0.26 -13.02 -9.40
C LYS A 243 0.94 -13.65 -8.21
N TYR A 244 1.83 -12.90 -7.62
CA TYR A 244 2.17 -13.08 -6.20
C TYR A 244 2.05 -11.75 -5.51
N TYR A 245 2.03 -11.79 -4.20
CA TYR A 245 1.78 -10.61 -3.38
C TYR A 245 2.98 -10.41 -2.46
N ILE A 246 3.43 -9.17 -2.33
CA ILE A 246 4.62 -8.88 -1.54
C ILE A 246 4.43 -7.59 -0.80
N ALA A 247 4.86 -7.54 0.44
CA ALA A 247 4.92 -6.33 1.24
C ALA A 247 6.31 -6.21 1.84
N VAL A 248 6.90 -5.02 1.73
CA VAL A 248 8.17 -4.77 2.35
C VAL A 248 8.02 -3.46 3.15
N PHE A 249 8.29 -3.50 4.43
CA PHE A 249 8.17 -2.37 5.32
C PHE A 249 9.53 -2.10 6.00
N VAL A 250 10.11 -0.94 5.74
CA VAL A 250 11.38 -0.58 6.33
C VAL A 250 11.10 0.42 7.43
N MSE A 251 11.32 0.01 8.67
CA MSE A 251 11.03 0.87 9.80
C MSE A 251 12.24 1.25 10.62
O MSE A 251 13.23 0.57 10.70
CB MSE A 251 9.87 0.34 10.65
CG MSE A 251 10.16 -0.59 11.75
SE MSE A 251 8.59 -0.86 12.93
CE MSE A 251 8.49 0.63 14.14
N GLU A 252 12.08 2.40 11.24
CA GLU A 252 13.17 2.97 12.13
CA GLU A 252 13.11 2.97 12.10
C GLU A 252 14.65 2.93 11.53
N SER A 253 14.68 3.52 10.35
CA SER A 253 15.86 3.42 9.52
C SER A 253 16.75 4.64 9.56
N GLN A 254 18.05 4.37 9.65
CA GLN A 254 19.07 5.40 9.58
C GLN A 254 19.63 5.45 8.14
N GLU A 255 19.16 4.56 7.28
CA GLU A 255 19.63 4.58 5.89
C GLU A 255 19.03 5.76 5.14
N THR A 256 19.67 6.20 4.07
CA THR A 256 19.15 7.28 3.25
C THR A 256 17.89 6.85 2.53
N ASP A 257 17.18 7.84 1.98
CA ASP A 257 15.97 7.53 1.20
C ASP A 257 16.32 6.58 0.04
N ALA A 258 17.39 6.89 -0.70
CA ALA A 258 17.78 6.06 -1.81
C ALA A 258 18.08 4.65 -1.33
N ASP A 259 18.83 4.50 -0.24
CA ASP A 259 19.20 3.20 0.25
C ASP A 259 18.02 2.41 0.83
N ASN A 260 17.04 3.10 1.42
CA ASN A 260 15.83 2.44 1.88
C ASN A 260 15.06 1.89 0.68
N ALA A 261 14.90 2.70 -0.36
CA ALA A 261 14.23 2.20 -1.55
C ALA A 261 14.95 1.02 -2.15
N ALA A 262 16.29 1.08 -2.13
CA ALA A 262 17.06 0.00 -2.67
C ALA A 262 16.92 -1.29 -1.85
N ILE A 263 16.73 -1.20 -0.54
CA ILE A 263 16.41 -2.40 0.26
C ILE A 263 15.16 -3.04 -0.29
N ILE A 264 14.11 -2.22 -0.49
CA ILE A 264 12.87 -2.76 -1.00
C ILE A 264 13.06 -3.38 -2.40
N ALA A 265 13.78 -2.61 -3.27
CA ALA A 265 14.00 -3.11 -4.62
C ALA A 265 14.79 -4.41 -4.62
N SER A 266 15.79 -4.51 -3.76
CA SER A 266 16.63 -5.72 -3.72
C SER A 266 15.82 -6.91 -3.21
N ILE A 267 15.00 -6.71 -2.17
CA ILE A 267 14.14 -7.79 -1.70
C ILE A 267 13.17 -8.23 -2.77
N SER A 268 12.58 -7.22 -3.46
CA SER A 268 11.65 -7.54 -4.52
C SER A 268 12.31 -8.36 -5.61
N LYS A 269 13.55 -7.99 -6.00
CA LYS A 269 14.25 -8.76 -7.04
CA LYS A 269 14.28 -8.74 -7.03
C LYS A 269 14.57 -10.18 -6.57
N ILE A 270 15.02 -10.36 -5.33
CA ILE A 270 15.25 -11.70 -4.77
C ILE A 270 13.99 -12.54 -4.94
N VAL A 271 12.86 -11.99 -4.56
CA VAL A 271 11.60 -12.74 -4.60
C VAL A 271 11.20 -13.06 -6.04
N TYR A 272 11.25 -12.03 -6.92
CA TYR A 272 10.88 -12.24 -8.32
C TYR A 272 11.72 -13.31 -8.96
N ASP A 273 13.07 -13.20 -8.79
CA ASP A 273 13.92 -14.16 -9.45
C ASP A 273 13.72 -15.57 -8.89
N THR A 274 13.46 -15.68 -7.61
CA THR A 274 13.21 -16.98 -7.02
C THR A 274 11.92 -17.60 -7.57
N LEU A 275 10.85 -16.83 -7.57
CA LEU A 275 9.54 -17.37 -8.02
C LEU A 275 9.51 -17.55 -9.51
N ASN A 276 10.25 -16.74 -10.26
CA ASN A 276 10.28 -16.90 -11.69
C ASN A 276 11.17 -18.06 -12.11
N SER A 277 12.12 -18.49 -11.29
CA SER A 277 13.01 -19.58 -11.62
C SER A 277 12.22 -20.89 -11.32
N ASP A 278 11.40 -20.85 -10.26
CA ASP A 278 10.62 -21.99 -9.74
C ASP A 278 9.48 -22.26 -10.69
P PO4 B . 4.02 8.02 -0.52
O1 PO4 B . 3.55 9.13 0.36
O2 PO4 B . 4.61 8.65 -1.82
O3 PO4 B . 5.17 7.28 0.20
O4 PO4 B . 2.93 7.05 -0.91
P PO4 C . 7.87 7.16 -1.86
O1 PO4 C . 8.96 7.88 -1.18
O2 PO4 C . 6.99 8.13 -2.47
O3 PO4 C . 8.48 6.24 -2.91
O4 PO4 C . 7.09 6.24 -0.94
C1 GOL D . -9.47 4.53 -15.61
O1 GOL D . -9.80 5.91 -15.33
C2 GOL D . -8.40 4.10 -14.60
O2 GOL D . -7.26 4.90 -14.80
C3 GOL D . -8.08 2.68 -14.74
O3 GOL D . -7.46 2.31 -16.03
C1 GOL E . -3.44 -17.34 3.16
O1 GOL E . -4.11 -17.23 4.41
C2 GOL E . -1.98 -17.68 3.35
O2 GOL E . -1.39 -16.69 4.18
C3 GOL E . -1.79 -19.00 4.09
O3 GOL E . -0.41 -19.40 4.21
#